data_3ZX4
#
_entry.id   3ZX4
#
_cell.length_a   39.900
_cell.length_b   70.740
_cell.length_c   92.300
_cell.angle_alpha   90.00
_cell.angle_beta   95.36
_cell.angle_gamma   90.00
#
_symmetry.space_group_name_H-M   'P 1 21 1'
#
loop_
_entity.id
_entity.type
_entity.pdbx_description
1 polymer 'MANNOSYL-3-PHOSPHOGLYCERATE PHOSPHATASE'
2 non-polymer 'MAGNESIUM ION'
3 non-polymer 'PHOSPHATE ION'
4 non-polymer '(2R)-3-hydroxy-2-(alpha-D-mannopyranosyloxy)propanoic acid'
5 water water
#
_entity_poly.entity_id   1
_entity_poly.type   'polypeptide(L)'
_entity_poly.pdbx_seq_one_letter_code
;MIVFTDLDGTLLDERGELGPAREALERLRALGVPVVPVTAKTRKEVEALGLEPPFIVENGGGLYLPRDWPVRAGRPKGGY
RVVSLAWPYRKVRARLREAEALAGRPILGYGDLTAEAVARLTGLSREAARRAKAREYDETLVLCPEEVEAVLEALEAVGL
EWTHGGRFYHAAKGADKGRAVARLRALWPDPEEARFAVGLGDSLNDLPLFRAVDLAVYVGRGDPPEGVLATPAPGPEGFR
YAVERYLLPRLSRRGGSGP
;
_entity_poly.pdbx_strand_id   A,B
#
loop_
_chem_comp.id
_chem_comp.type
_chem_comp.name
_chem_comp.formula
2M8 D-saccharide, alpha linking '(2R)-3-hydroxy-2-(alpha-D-mannopyranosyloxy)propanoic acid' 'C9 H16 O9'
MG non-polymer 'MAGNESIUM ION' 'Mg 2'
PO4 non-polymer 'PHOSPHATE ION' 'O4 P -3'
#
# COMPACT_ATOMS: atom_id res chain seq x y z
N MET A 1 26.84 34.02 10.95
CA MET A 1 26.85 32.76 10.21
C MET A 1 25.75 31.83 10.69
N ILE A 2 24.99 31.29 9.75
CA ILE A 2 23.99 30.29 10.06
C ILE A 2 24.29 29.03 9.27
N VAL A 3 24.22 27.88 9.94
CA VAL A 3 24.45 26.62 9.26
C VAL A 3 23.15 25.88 9.04
N PHE A 4 22.78 25.72 7.77
CA PHE A 4 21.61 24.94 7.39
C PHE A 4 22.05 23.53 7.02
N THR A 5 21.43 22.52 7.64
CA THR A 5 21.90 21.16 7.40
C THR A 5 20.78 20.18 7.11
N ASP A 6 20.97 19.39 6.07
CA ASP A 6 20.10 18.27 5.79
C ASP A 6 20.29 17.25 6.91
N LEU A 7 19.29 16.43 7.18
CA LEU A 7 19.43 15.43 8.26
C LEU A 7 20.00 14.09 7.79
N ASP A 8 19.17 13.24 7.22
CA ASP A 8 19.61 11.90 6.82
C ASP A 8 20.78 11.99 5.85
N GLY A 9 21.78 11.14 6.07
CA GLY A 9 22.94 11.10 5.19
C GLY A 9 23.92 12.23 5.44
N THR A 10 23.48 13.27 6.14
CA THR A 10 24.37 14.38 6.48
C THR A 10 24.67 14.41 7.97
N LEU A 11 23.75 14.95 8.77
CA LEU A 11 23.96 14.99 10.21
C LEU A 11 23.69 13.63 10.85
N LEU A 12 22.78 12.87 10.25
CA LEU A 12 22.44 11.55 10.76
C LEU A 12 23.13 10.48 9.93
N ASP A 13 23.22 9.27 10.47
CA ASP A 13 23.94 8.19 9.80
C ASP A 13 23.02 7.04 9.38
N GLU A 14 23.64 5.88 9.12
CA GLU A 14 22.92 4.71 8.64
C GLU A 14 21.69 4.37 9.47
N ARG A 15 21.85 4.36 10.80
CA ARG A 15 20.74 3.98 11.68
C ARG A 15 19.91 5.19 12.10
N GLY A 16 20.42 6.39 11.83
CA GLY A 16 19.66 7.61 12.04
C GLY A 16 19.95 8.36 13.32
N GLU A 17 21.23 8.43 13.70
CA GLU A 17 21.64 9.18 14.88
C GLU A 17 22.88 10.03 14.60
N LEU A 18 23.54 10.48 15.67
CA LEU A 18 24.71 11.34 15.53
C LEU A 18 26.02 10.57 15.65
N GLY A 19 26.70 10.36 14.53
CA GLY A 19 28.02 9.76 14.54
C GLY A 19 29.01 10.73 15.16
N PRO A 20 30.14 10.96 14.47
CA PRO A 20 31.10 11.97 14.91
C PRO A 20 30.58 13.40 14.67
N ALA A 21 29.27 13.58 14.78
CA ALA A 21 28.66 14.89 14.57
C ALA A 21 28.34 15.60 15.88
N ARG A 22 28.16 14.82 16.94
CA ARG A 22 27.87 15.38 18.25
C ARG A 22 28.91 16.43 18.63
N GLU A 23 30.18 16.05 18.56
CA GLU A 23 31.28 16.96 18.89
C GLU A 23 31.31 18.14 17.94
N ALA A 24 31.13 17.87 16.66
CA ALA A 24 31.10 18.94 15.66
C ALA A 24 29.99 19.92 15.97
N LEU A 25 28.85 19.42 16.45
CA LEU A 25 27.73 20.29 16.80
C LEU A 25 28.01 21.09 18.06
N GLU A 26 28.60 20.46 19.07
CA GLU A 26 28.90 21.15 20.31
C GLU A 26 29.87 22.31 20.06
N ARG A 27 30.84 22.09 19.17
CA ARG A 27 31.76 23.16 18.77
C ARG A 27 31.00 24.37 18.20
N LEU A 28 30.12 24.13 17.24
CA LEU A 28 29.31 25.21 16.68
C LEU A 28 28.48 25.90 17.74
N ARG A 29 27.93 25.12 18.67
CA ARG A 29 27.16 25.67 19.78
C ARG A 29 28.04 26.63 20.59
N ALA A 30 29.20 26.14 20.99
CA ALA A 30 30.15 26.92 21.79
C ALA A 30 30.45 28.27 21.14
N LEU A 31 30.48 28.30 19.81
CA LEU A 31 30.76 29.53 19.09
C LEU A 31 29.49 30.37 18.91
N GLY A 32 28.35 29.84 19.35
CA GLY A 32 27.11 30.57 19.27
C GLY A 32 26.63 30.67 17.84
N VAL A 33 27.00 29.69 17.03
CA VAL A 33 26.58 29.61 15.64
C VAL A 33 25.31 28.76 15.52
N PRO A 34 24.21 29.38 15.08
CA PRO A 34 22.98 28.59 14.98
C PRO A 34 23.05 27.50 13.91
N VAL A 35 22.47 26.35 14.21
CA VAL A 35 22.34 25.26 13.25
C VAL A 35 20.87 24.96 13.01
N VAL A 36 20.46 25.02 11.75
CA VAL A 36 19.06 24.86 11.40
C VAL A 36 18.90 23.61 10.55
N PRO A 37 18.21 22.58 11.07
CA PRO A 37 17.90 21.40 10.26
C PRO A 37 16.95 21.75 9.12
N VAL A 38 17.23 21.21 7.94
CA VAL A 38 16.41 21.37 6.74
C VAL A 38 16.16 20.01 6.11
N THR A 39 14.95 19.48 6.26
CA THR A 39 14.75 18.05 6.06
C THR A 39 13.46 17.68 5.33
N ALA A 40 13.44 16.48 4.75
CA ALA A 40 12.23 15.90 4.20
C ALA A 40 11.35 15.34 5.32
N LYS A 41 11.93 15.18 6.51
CA LYS A 41 11.24 14.55 7.62
C LYS A 41 10.14 15.45 8.15
N THR A 42 9.18 14.86 8.86
CA THR A 42 8.08 15.64 9.45
C THR A 42 8.51 16.30 10.73
N ARG A 43 7.69 17.25 11.19
CA ARG A 43 7.93 17.86 12.49
C ARG A 43 7.95 16.81 13.61
N LYS A 44 7.06 15.83 13.55
CA LYS A 44 7.05 14.81 14.60
C LYS A 44 8.35 14.00 14.62
N GLU A 45 8.92 13.75 13.46
CA GLU A 45 10.20 13.06 13.39
C GLU A 45 11.34 13.89 13.95
N VAL A 46 11.34 15.18 13.63
CA VAL A 46 12.39 16.09 14.12
C VAL A 46 12.32 16.26 15.63
N GLU A 47 11.09 16.36 16.16
CA GLU A 47 10.90 16.42 17.62
C GLU A 47 11.44 15.17 18.32
N ALA A 48 11.27 14.03 17.69
CA ALA A 48 11.72 12.77 18.27
C ALA A 48 13.25 12.70 18.37
N LEU A 49 13.95 13.40 17.49
CA LEU A 49 15.40 13.54 17.57
C LEU A 49 15.85 14.55 18.63
N GLY A 50 14.89 15.22 19.26
CA GLY A 50 15.21 16.18 20.31
C GLY A 50 15.61 17.55 19.81
N LEU A 51 15.45 17.80 18.51
CA LEU A 51 15.88 19.05 17.92
C LEU A 51 14.87 20.18 18.21
N GLU A 52 15.39 21.33 18.63
CA GLU A 52 14.55 22.50 18.91
C GLU A 52 14.42 23.38 17.67
N PRO A 53 13.34 24.16 17.60
CA PRO A 53 13.24 25.09 16.46
C PRO A 53 14.23 26.25 16.61
N PRO A 54 14.51 26.97 15.53
CA PRO A 54 13.89 26.84 14.20
C PRO A 54 14.37 25.64 13.41
N PHE A 55 13.46 25.04 12.65
CA PHE A 55 13.83 23.98 11.72
C PHE A 55 12.87 23.98 10.55
N ILE A 56 13.29 23.37 9.46
CA ILE A 56 12.50 23.35 8.24
C ILE A 56 12.17 21.90 7.91
N VAL A 57 10.88 21.61 7.76
CA VAL A 57 10.44 20.23 7.57
C VAL A 57 9.81 20.00 6.22
N GLU A 58 9.62 18.73 5.89
CA GLU A 58 8.88 18.37 4.69
C GLU A 58 9.36 19.11 3.43
N ASN A 59 10.67 19.11 3.24
CA ASN A 59 11.28 19.60 2.03
C ASN A 59 11.04 21.08 1.81
N GLY A 60 10.81 21.77 2.91
CA GLY A 60 10.60 23.21 2.84
C GLY A 60 9.13 23.59 2.92
N GLY A 61 8.25 22.61 3.14
CA GLY A 61 6.82 22.90 3.18
C GLY A 61 6.42 23.73 4.39
N GLY A 62 7.11 23.49 5.49
CA GLY A 62 6.87 24.23 6.73
C GLY A 62 8.12 24.71 7.44
N LEU A 63 8.05 25.93 7.95
CA LEU A 63 9.13 26.49 8.74
C LEU A 63 8.60 26.63 10.15
N TYR A 64 9.24 25.96 11.11
CA TYR A 64 8.81 26.03 12.49
C TYR A 64 9.76 26.95 13.25
N LEU A 65 9.17 27.88 14.00
CA LEU A 65 9.91 28.83 14.82
C LEU A 65 9.49 28.64 16.26
N PRO A 66 10.39 28.96 17.20
CA PRO A 66 10.03 29.07 18.62
C PRO A 66 8.85 30.05 18.75
N ARG A 67 7.93 29.79 19.66
CA ARG A 67 6.77 30.65 19.83
C ARG A 67 7.22 32.09 20.09
N ASP A 68 8.32 32.23 20.83
CA ASP A 68 8.83 33.55 21.20
C ASP A 68 9.89 34.14 20.26
N TRP A 69 9.95 33.65 19.02
CA TRP A 69 10.86 34.21 18.02
C TRP A 69 10.69 35.72 17.98
N PRO A 70 11.81 36.46 17.98
CA PRO A 70 11.78 37.92 18.03
C PRO A 70 11.11 38.60 16.82
N VAL A 71 10.98 37.90 15.71
CA VAL A 71 10.32 38.45 14.53
C VAL A 71 8.97 37.76 14.40
N ARG A 72 7.89 38.53 14.40
CA ARG A 72 6.56 37.93 14.35
CA ARG A 72 6.55 37.94 14.36
C ARG A 72 6.26 37.38 12.98
N ALA A 73 5.98 36.08 12.91
CA ALA A 73 5.63 35.45 11.65
C ALA A 73 4.91 34.14 11.94
N GLY A 74 4.16 33.69 10.95
CA GLY A 74 3.54 32.39 11.05
C GLY A 74 2.38 32.39 12.02
N ARG A 75 1.88 31.19 12.27
CA ARG A 75 0.67 31.00 13.07
C ARG A 75 1.04 30.25 14.34
N PRO A 76 0.53 30.72 15.49
CA PRO A 76 0.86 30.11 16.77
C PRO A 76 0.35 28.69 16.87
N LYS A 77 1.18 27.81 17.40
CA LYS A 77 0.80 26.43 17.65
C LYS A 77 1.61 25.91 18.82
N GLY A 78 1.02 25.92 20.01
CA GLY A 78 1.74 25.52 21.20
C GLY A 78 3.06 26.26 21.34
N GLY A 79 4.16 25.51 21.42
CA GLY A 79 5.47 26.08 21.64
C GLY A 79 6.10 26.63 20.37
N TYR A 80 5.33 26.60 19.28
CA TYR A 80 5.86 27.03 17.99
C TYR A 80 5.07 28.16 17.37
N ARG A 81 5.68 28.81 16.37
CA ARG A 81 4.93 29.50 15.34
C ARG A 81 5.28 28.80 14.04
N VAL A 82 4.28 28.58 13.20
CA VAL A 82 4.53 27.82 11.98
C VAL A 82 4.26 28.67 10.77
N VAL A 83 5.24 28.74 9.88
CA VAL A 83 5.10 29.44 8.62
C VAL A 83 4.86 28.34 7.57
N SER A 84 3.66 28.32 7.00
CA SER A 84 3.35 27.29 6.00
C SER A 84 3.67 27.85 4.62
N LEU A 85 4.53 27.15 3.90
CA LEU A 85 4.97 27.62 2.59
C LEU A 85 4.28 26.85 1.46
N ALA A 86 3.78 25.68 1.79
CA ALA A 86 3.27 24.76 0.79
C ALA A 86 1.78 24.48 0.98
N TRP A 87 1.13 23.88 -0.02
CA TRP A 87 -0.23 23.40 0.12
C TRP A 87 -0.30 22.39 1.25
N PRO A 88 -1.43 22.35 1.96
CA PRO A 88 -1.59 21.33 2.99
C PRO A 88 -1.72 19.95 2.40
N TYR A 89 -1.25 18.96 3.14
CA TYR A 89 -1.31 17.53 2.78
C TYR A 89 -2.67 17.10 2.22
N ARG A 90 -3.77 17.50 2.86
CA ARG A 90 -5.09 17.08 2.39
C ARG A 90 -5.32 17.47 0.94
N LYS A 91 -4.84 18.65 0.56
CA LYS A 91 -5.02 19.16 -0.79
C LYS A 91 -4.13 18.41 -1.77
N VAL A 92 -2.90 18.16 -1.38
CA VAL A 92 -2.01 17.32 -2.18
C VAL A 92 -2.66 15.97 -2.43
N ARG A 93 -3.17 15.35 -1.37
CA ARG A 93 -3.81 14.04 -1.48
C ARG A 93 -5.00 14.06 -2.46
N ALA A 94 -5.79 15.13 -2.43
CA ALA A 94 -6.95 15.26 -3.31
C ALA A 94 -6.50 15.40 -4.76
N ARG A 95 -5.42 16.13 -4.97
CA ARG A 95 -4.87 16.28 -6.30
C ARG A 95 -4.30 14.95 -6.80
N LEU A 96 -3.74 14.17 -5.89
CA LEU A 96 -3.22 12.85 -6.25
C LEU A 96 -4.32 11.97 -6.80
N ARG A 97 -5.49 12.02 -6.17
CA ARG A 97 -6.62 11.25 -6.65
C ARG A 97 -6.95 11.63 -8.09
N GLU A 98 -6.78 12.90 -8.44
CA GLU A 98 -6.97 13.33 -9.82
C GLU A 98 -5.88 12.78 -10.72
N ALA A 99 -4.65 12.79 -10.23
CA ALA A 99 -3.50 12.31 -11.00
C ALA A 99 -3.68 10.85 -11.38
N GLU A 100 -4.25 10.08 -10.46
CA GLU A 100 -4.55 8.67 -10.72
C GLU A 100 -5.48 8.52 -11.90
N ALA A 101 -6.43 9.44 -12.02
CA ALA A 101 -7.39 9.43 -13.11
C ALA A 101 -6.69 9.55 -14.45
N LEU A 102 -5.78 10.51 -14.56
CA LEU A 102 -5.03 10.72 -15.80
C LEU A 102 -4.09 9.56 -16.09
N ALA A 103 -3.44 9.05 -15.05
CA ALA A 103 -2.44 8.00 -15.22
C ALA A 103 -3.09 6.66 -15.54
N GLY A 104 -4.36 6.53 -15.20
CA GLY A 104 -5.07 5.28 -15.39
C GLY A 104 -4.41 4.18 -14.57
N ARG A 105 -4.00 4.53 -13.36
CA ARG A 105 -3.38 3.58 -12.46
C ARG A 105 -3.24 4.15 -11.06
N PRO A 106 -3.26 3.28 -10.06
CA PRO A 106 -3.09 3.65 -8.66
C PRO A 106 -1.77 4.39 -8.43
N ILE A 107 -1.87 5.46 -7.66
CA ILE A 107 -0.67 6.14 -7.18
C ILE A 107 -0.74 6.09 -5.66
N LEU A 108 0.06 5.23 -5.07
CA LEU A 108 -0.01 5.03 -3.63
C LEU A 108 1.06 5.84 -2.91
N GLY A 109 0.72 6.28 -1.71
CA GLY A 109 1.66 7.01 -0.88
C GLY A 109 1.48 6.64 0.57
N TYR A 110 2.28 7.22 1.45
CA TYR A 110 2.19 6.90 2.87
C TYR A 110 0.76 7.00 3.41
N GLY A 111 -0.03 7.95 2.90
CA GLY A 111 -1.38 8.12 3.38
C GLY A 111 -2.27 6.90 3.15
N ASP A 112 -1.88 6.05 2.22
CA ASP A 112 -2.66 4.87 1.86
C ASP A 112 -2.22 3.65 2.64
N LEU A 113 -1.11 3.78 3.35
CA LEU A 113 -0.46 2.63 3.98
C LEU A 113 -0.58 2.64 5.48
N THR A 114 -0.52 1.45 6.07
CA THR A 114 -0.47 1.34 7.52
C THR A 114 0.92 1.74 8.01
N ALA A 115 1.03 2.06 9.29
CA ALA A 115 2.34 2.36 9.87
C ALA A 115 3.23 1.14 9.75
N GLU A 116 2.66 -0.06 9.92
CA GLU A 116 3.46 -1.27 9.81
CA GLU A 116 3.42 -1.29 9.80
C GLU A 116 4.05 -1.41 8.41
N ALA A 117 3.27 -1.07 7.38
CA ALA A 117 3.76 -1.13 6.00
C ALA A 117 4.86 -0.09 5.75
N VAL A 118 4.62 1.14 6.20
CA VAL A 118 5.63 2.18 6.06
C VAL A 118 6.91 1.73 6.76
N ALA A 119 6.79 1.17 7.95
CA ALA A 119 7.96 0.68 8.67
C ALA A 119 8.72 -0.35 7.84
N ARG A 120 8.01 -1.31 7.27
CA ARG A 120 8.70 -2.34 6.48
C ARG A 120 9.39 -1.73 5.25
N LEU A 121 8.75 -0.77 4.61
CA LEU A 121 9.28 -0.23 3.35
C LEU A 121 10.47 0.68 3.59
N THR A 122 10.53 1.28 4.78
CA THR A 122 11.56 2.28 5.10
C THR A 122 12.68 1.76 6.00
N GLY A 123 12.45 0.63 6.67
CA GLY A 123 13.36 0.15 7.69
C GLY A 123 13.18 0.82 9.06
N LEU A 124 12.19 1.71 9.15
CA LEU A 124 11.91 2.37 10.43
C LEU A 124 11.18 1.42 11.39
N SER A 125 11.23 1.73 12.68
CA SER A 125 10.37 1.04 13.65
C SER A 125 8.93 1.48 13.41
N ARG A 126 7.95 0.72 13.92
CA ARG A 126 6.56 1.13 13.77
C ARG A 126 6.34 2.53 14.34
N GLU A 127 6.95 2.79 15.49
CA GLU A 127 6.83 4.09 16.16
CA GLU A 127 6.83 4.09 16.16
C GLU A 127 7.38 5.24 15.30
N ALA A 128 8.55 5.03 14.72
CA ALA A 128 9.15 6.03 13.84
C ALA A 128 8.31 6.15 12.56
N ALA A 129 7.73 5.04 12.11
CA ALA A 129 6.90 5.11 10.91
C ALA A 129 5.65 5.94 11.16
N ARG A 130 5.05 5.81 12.35
CA ARG A 130 3.90 6.62 12.69
C ARG A 130 4.25 8.10 12.60
N ARG A 131 5.45 8.47 13.04
CA ARG A 131 5.86 9.86 12.97
C ARG A 131 6.11 10.29 11.53
N ALA A 132 6.65 9.39 10.72
CA ALA A 132 6.86 9.72 9.31
C ALA A 132 5.52 9.86 8.57
N LYS A 133 4.46 9.26 9.10
CA LYS A 133 3.13 9.35 8.45
C LYS A 133 2.37 10.61 8.84
N ALA A 134 2.89 11.33 9.83
CA ALA A 134 2.20 12.51 10.32
C ALA A 134 2.62 13.69 9.45
N ARG A 135 2.18 13.68 8.20
CA ARG A 135 2.64 14.68 7.23
C ARG A 135 1.66 15.84 7.10
N GLU A 136 2.20 17.05 7.00
CA GLU A 136 1.38 18.24 6.94
C GLU A 136 1.37 18.87 5.55
N TYR A 137 2.34 18.53 4.72
CA TYR A 137 2.51 19.25 3.46
C TYR A 137 2.73 18.30 2.28
N ASP A 138 3.70 17.41 2.44
CA ASP A 138 4.28 16.63 1.34
C ASP A 138 3.89 15.16 1.47
N GLU A 139 3.66 14.49 0.34
CA GLU A 139 3.35 13.06 0.40
C GLU A 139 4.55 12.29 -0.10
N THR A 140 4.88 11.21 0.59
CA THR A 140 5.89 10.30 0.09
C THR A 140 5.18 9.23 -0.72
N LEU A 141 5.64 9.05 -1.96
CA LEU A 141 5.00 8.09 -2.85
C LEU A 141 5.73 6.76 -2.83
N VAL A 142 4.99 5.69 -3.06
CA VAL A 142 5.61 4.37 -3.14
C VAL A 142 5.41 3.85 -4.56
N LEU A 143 6.44 3.98 -5.38
CA LEU A 143 6.31 3.68 -6.78
C LEU A 143 7.33 2.62 -7.19
N CYS A 144 6.92 1.66 -8.02
CA CYS A 144 7.87 0.75 -8.63
CA CYS A 144 7.86 0.75 -8.64
C CYS A 144 8.60 1.48 -9.75
N PRO A 145 9.91 1.21 -9.89
CA PRO A 145 10.79 1.91 -10.83
C PRO A 145 10.19 2.08 -12.23
N GLU A 146 9.45 1.09 -12.70
CA GLU A 146 8.96 1.10 -14.08
C GLU A 146 7.72 1.98 -14.30
N GLU A 147 7.07 2.37 -13.21
CA GLU A 147 5.86 3.19 -13.29
C GLU A 147 6.16 4.67 -13.09
N VAL A 148 7.39 4.96 -12.66
CA VAL A 148 7.76 6.31 -12.23
C VAL A 148 7.45 7.39 -13.27
N GLU A 149 7.82 7.16 -14.52
CA GLU A 149 7.66 8.22 -15.52
C GLU A 149 6.21 8.59 -15.83
N ALA A 150 5.37 7.58 -16.00
CA ALA A 150 3.94 7.82 -16.21
C ALA A 150 3.35 8.58 -15.03
N VAL A 151 3.74 8.20 -13.83
CA VAL A 151 3.21 8.86 -12.64
C VAL A 151 3.66 10.33 -12.57
N LEU A 152 4.95 10.58 -12.77
CA LEU A 152 5.44 11.97 -12.69
C LEU A 152 4.73 12.89 -13.69
N GLU A 153 4.48 12.39 -14.90
CA GLU A 153 3.82 13.23 -15.88
C GLU A 153 2.40 13.59 -15.44
N ALA A 154 1.71 12.63 -14.84
CA ALA A 154 0.36 12.86 -14.31
C ALA A 154 0.34 13.85 -13.15
N LEU A 155 1.28 13.71 -12.22
CA LEU A 155 1.41 14.67 -11.13
C LEU A 155 1.51 16.11 -11.63
N GLU A 156 2.36 16.32 -12.63
CA GLU A 156 2.56 17.67 -13.13
C GLU A 156 1.33 18.19 -13.85
N ALA A 157 0.60 17.28 -14.49
CA ALA A 157 -0.57 17.65 -15.27
C ALA A 157 -1.69 18.15 -14.38
N VAL A 158 -1.62 17.80 -13.09
CA VAL A 158 -2.64 18.23 -12.14
C VAL A 158 -2.14 19.32 -11.20
N GLY A 159 -0.96 19.86 -11.49
CA GLY A 159 -0.46 21.01 -10.78
C GLY A 159 0.38 20.71 -9.55
N LEU A 160 0.76 19.45 -9.37
CA LEU A 160 1.67 19.10 -8.29
C LEU A 160 3.12 19.15 -8.76
N GLU A 161 4.02 19.25 -7.79
CA GLU A 161 5.45 19.25 -8.02
C GLU A 161 6.02 17.98 -7.42
N TRP A 162 7.14 17.49 -7.94
CA TRP A 162 7.75 16.30 -7.35
C TRP A 162 9.24 16.47 -7.14
N THR A 163 9.77 15.66 -6.24
CA THR A 163 11.19 15.67 -5.90
CA THR A 163 11.20 15.65 -5.98
C THR A 163 11.61 14.24 -5.57
N HIS A 164 12.91 13.98 -5.56
CA HIS A 164 13.40 12.66 -5.20
C HIS A 164 14.20 12.83 -3.92
N GLY A 165 13.89 12.05 -2.90
CA GLY A 165 14.45 12.29 -1.58
C GLY A 165 15.67 11.48 -1.23
N GLY A 166 16.01 10.53 -2.10
CA GLY A 166 17.11 9.62 -1.83
C GLY A 166 16.68 8.18 -2.04
N ARG A 167 15.46 7.86 -1.62
CA ARG A 167 14.90 6.55 -1.88
C ARG A 167 13.49 6.63 -2.45
N PHE A 168 12.73 7.65 -2.02
CA PHE A 168 11.35 7.80 -2.43
C PHE A 168 11.12 9.10 -3.18
N TYR A 169 10.14 9.07 -4.09
CA TYR A 169 9.63 10.30 -4.69
C TYR A 169 8.63 10.96 -3.75
N HIS A 170 8.54 12.27 -3.84
CA HIS A 170 7.64 13.04 -3.00
C HIS A 170 6.80 13.91 -3.91
N ALA A 171 5.58 14.19 -3.48
CA ALA A 171 4.71 15.11 -4.22
C ALA A 171 4.26 16.21 -3.25
N ALA A 172 4.26 17.45 -3.73
CA ALA A 172 3.82 18.58 -2.91
C ALA A 172 3.50 19.74 -3.83
N LYS A 173 3.16 20.89 -3.27
CA LYS A 173 3.04 22.10 -4.07
C LYS A 173 3.53 23.24 -3.21
N GLY A 174 4.64 23.83 -3.61
CA GLY A 174 5.21 24.96 -2.90
C GLY A 174 6.28 24.60 -1.87
N ALA A 175 6.62 23.31 -1.75
CA ALA A 175 7.67 22.91 -0.80
C ALA A 175 9.01 22.92 -1.53
N ASP A 176 9.91 23.81 -1.13
CA ASP A 176 11.22 23.91 -1.76
C ASP A 176 12.17 24.32 -0.66
N LYS A 177 13.24 23.55 -0.49
CA LYS A 177 14.19 23.86 0.59
C LYS A 177 14.82 25.25 0.46
N GLY A 178 15.14 25.66 -0.77
CA GLY A 178 15.72 26.98 -0.96
C GLY A 178 14.77 28.11 -0.59
N ARG A 179 13.50 27.97 -0.97
CA ARG A 179 12.51 28.98 -0.64
C ARG A 179 12.43 29.11 0.88
N ALA A 180 12.43 27.98 1.58
CA ALA A 180 12.31 27.98 3.03
C ALA A 180 13.53 28.63 3.70
N VAL A 181 14.72 28.31 3.18
CA VAL A 181 15.96 28.92 3.67
C VAL A 181 15.91 30.43 3.45
N ALA A 182 15.52 30.86 2.25
CA ALA A 182 15.46 32.31 1.99
C ALA A 182 14.48 33.00 2.95
N ARG A 183 13.35 32.35 3.21
CA ARG A 183 12.34 32.92 4.11
C ARG A 183 12.89 33.02 5.53
N LEU A 184 13.50 31.94 6.02
CA LEU A 184 14.04 31.98 7.38
C LEU A 184 15.13 33.03 7.52
N ARG A 185 15.98 33.16 6.51
CA ARG A 185 17.03 34.17 6.57
C ARG A 185 16.42 35.57 6.66
N ALA A 186 15.34 35.80 5.93
CA ALA A 186 14.65 37.10 5.95
C ALA A 186 13.94 37.35 7.27
N LEU A 187 13.67 36.28 8.01
CA LEU A 187 12.99 36.37 9.30
C LEU A 187 13.95 36.30 10.46
N TRP A 188 15.24 36.39 10.18
CA TRP A 188 16.23 36.24 11.23
C TRP A 188 16.33 37.53 12.04
N PRO A 189 16.31 37.43 13.38
CA PRO A 189 16.29 38.62 14.23
C PRO A 189 17.46 39.56 13.95
N ASP A 190 18.68 39.00 13.89
CA ASP A 190 19.87 39.81 13.64
C ASP A 190 20.37 39.61 12.21
N PRO A 191 20.09 40.59 11.34
CA PRO A 191 20.41 40.46 9.91
C PRO A 191 21.89 40.16 9.66
N GLU A 192 22.77 40.67 10.51
CA GLU A 192 24.20 40.41 10.34
C GLU A 192 24.52 38.92 10.48
N GLU A 193 23.85 38.25 11.41
CA GLU A 193 24.07 36.83 11.62
C GLU A 193 23.62 36.00 10.40
N ALA A 194 22.55 36.41 9.74
CA ALA A 194 22.04 35.66 8.60
C ALA A 194 22.68 36.04 7.27
N ARG A 195 23.60 37.01 7.31
CA ARG A 195 24.25 37.49 6.09
CA ARG A 195 24.24 37.49 6.09
C ARG A 195 25.05 36.39 5.40
N PHE A 196 25.67 35.51 6.19
CA PHE A 196 26.44 34.42 5.62
C PHE A 196 25.85 33.06 6.00
N ALA A 197 25.33 32.36 5.00
CA ALA A 197 24.70 31.07 5.25
C ALA A 197 25.54 29.94 4.68
N VAL A 198 25.62 28.86 5.44
CA VAL A 198 26.28 27.64 5.00
C VAL A 198 25.22 26.55 4.83
N GLY A 199 25.38 25.70 3.82
CA GLY A 199 24.42 24.65 3.55
C GLY A 199 25.12 23.32 3.31
N LEU A 200 24.81 22.33 4.13
CA LEU A 200 25.42 21.02 4.00
C LEU A 200 24.34 19.99 3.67
N GLY A 201 24.59 19.18 2.63
CA GLY A 201 23.64 18.18 2.20
C GLY A 201 24.35 16.94 1.65
N ASP A 202 23.69 15.80 1.78
CA ASP A 202 24.30 14.51 1.42
C ASP A 202 23.90 14.07 0.03
N SER A 203 22.93 14.74 -0.57
CA SER A 203 22.39 14.30 -1.85
C SER A 203 22.32 15.42 -2.89
N LEU A 204 21.86 15.07 -4.08
CA LEU A 204 21.60 16.03 -5.14
C LEU A 204 20.30 16.78 -4.91
N ASN A 205 19.35 16.15 -4.21
CA ASN A 205 18.09 16.79 -3.89
C ASN A 205 18.31 17.93 -2.90
N ASP A 206 19.57 18.25 -2.65
CA ASP A 206 19.88 19.37 -1.80
C ASP A 206 20.33 20.54 -2.64
N LEU A 207 20.19 20.39 -3.96
CA LEU A 207 20.50 21.46 -4.90
C LEU A 207 19.75 22.77 -4.58
N PRO A 208 18.43 22.71 -4.37
CA PRO A 208 17.71 23.93 -3.97
C PRO A 208 18.29 24.57 -2.70
N LEU A 209 18.71 23.73 -1.76
CA LEU A 209 19.41 24.20 -0.57
C LEU A 209 20.76 24.83 -0.94
N PHE A 210 21.51 24.15 -1.79
CA PHE A 210 22.84 24.64 -2.16
C PHE A 210 22.78 26.01 -2.82
N ARG A 211 21.74 26.23 -3.62
CA ARG A 211 21.60 27.50 -4.32
CA ARG A 211 21.58 27.50 -4.33
C ARG A 211 21.22 28.66 -3.40
N ALA A 212 20.62 28.35 -2.26
CA ALA A 212 20.11 29.38 -1.36
C ALA A 212 21.11 29.83 -0.29
N VAL A 213 22.29 29.20 -0.27
CA VAL A 213 23.30 29.56 0.73
C VAL A 213 24.54 30.14 0.05
N ASP A 214 25.45 30.69 0.86
CA ASP A 214 26.66 31.31 0.35
C ASP A 214 27.82 30.35 0.24
N LEU A 215 27.81 29.31 1.07
CA LEU A 215 28.81 28.28 0.99
C LEU A 215 28.12 26.92 1.05
N ALA A 216 28.22 26.17 -0.05
CA ALA A 216 27.56 24.89 -0.14
C ALA A 216 28.59 23.77 -0.03
N VAL A 217 28.30 22.80 0.85
CA VAL A 217 29.19 21.65 1.03
C VAL A 217 28.41 20.35 0.83
N TYR A 218 28.93 19.48 -0.03
CA TYR A 218 28.31 18.20 -0.31
C TYR A 218 29.03 17.11 0.48
N VAL A 219 28.31 16.51 1.42
CA VAL A 219 28.90 15.45 2.23
C VAL A 219 28.31 14.11 1.84
N GLY A 220 27.97 13.97 0.57
CA GLY A 220 27.48 12.72 0.05
C GLY A 220 28.58 11.91 -0.60
N ARG A 221 28.20 11.05 -1.55
CA ARG A 221 29.16 10.16 -2.19
C ARG A 221 29.38 10.57 -3.64
N GLY A 222 30.64 10.54 -4.07
CA GLY A 222 30.98 10.89 -5.44
C GLY A 222 31.08 12.39 -5.66
N ASP A 223 31.08 12.79 -6.92
CA ASP A 223 31.24 14.19 -7.29
C ASP A 223 30.08 15.06 -6.81
N PRO A 224 30.42 16.23 -6.24
CA PRO A 224 29.40 17.19 -5.81
C PRO A 224 28.95 17.99 -7.01
N PRO A 225 27.77 18.61 -6.92
CA PRO A 225 27.32 19.46 -8.03
C PRO A 225 28.37 20.54 -8.32
N GLU A 226 28.32 21.09 -9.53
CA GLU A 226 29.18 22.21 -9.89
C GLU A 226 28.97 23.37 -8.94
N GLY A 227 30.06 23.98 -8.48
CA GLY A 227 29.97 25.11 -7.57
C GLY A 227 29.68 24.69 -6.13
N VAL A 228 29.99 23.44 -5.80
CA VAL A 228 29.76 22.94 -4.45
C VAL A 228 30.99 22.20 -3.95
N LEU A 229 31.40 22.53 -2.73
CA LEU A 229 32.55 21.88 -2.10
C LEU A 229 32.25 20.42 -1.79
N ALA A 230 33.31 19.63 -1.60
CA ALA A 230 33.15 18.21 -1.30
C ALA A 230 33.94 17.80 -0.05
N THR A 231 33.68 16.58 0.41
CA THR A 231 34.46 15.97 1.47
C THR A 231 34.99 14.63 0.98
N PRO A 232 36.10 14.16 1.57
CA PRO A 232 36.64 12.86 1.21
C PRO A 232 35.68 11.75 1.62
N ALA A 233 35.07 11.91 2.79
CA ALA A 233 34.14 10.92 3.33
C ALA A 233 32.80 11.57 3.66
N PRO A 234 31.71 10.85 3.37
CA PRO A 234 30.35 11.34 3.60
C PRO A 234 29.94 11.32 5.08
N GLY A 235 28.72 11.75 5.36
CA GLY A 235 28.14 11.64 6.69
C GLY A 235 28.69 12.63 7.70
N PRO A 236 28.46 12.36 9.00
CA PRO A 236 28.99 13.18 10.09
C PRO A 236 30.51 13.26 10.02
N GLU A 237 31.14 12.25 9.41
CA GLU A 237 32.56 12.31 9.14
C GLU A 237 32.81 13.42 8.14
N GLY A 238 31.93 13.51 7.15
CA GLY A 238 31.97 14.59 6.19
C GLY A 238 31.59 15.90 6.86
N PHE A 239 30.57 15.85 7.71
CA PHE A 239 30.12 17.03 8.45
C PHE A 239 31.24 17.56 9.32
N ARG A 240 31.89 16.67 10.06
CA ARG A 240 32.99 17.03 10.94
C ARG A 240 34.13 17.64 10.11
N TYR A 241 34.52 16.92 9.06
CA TYR A 241 35.52 17.40 8.11
C TYR A 241 35.13 18.80 7.64
N ALA A 242 33.91 18.92 7.14
CA ALA A 242 33.42 20.21 6.64
C ALA A 242 33.46 21.30 7.70
N VAL A 243 33.08 20.97 8.93
CA VAL A 243 33.06 21.97 9.99
C VAL A 243 34.46 22.41 10.35
N GLU A 244 35.36 21.45 10.49
CA GLU A 244 36.76 21.74 10.81
C GLU A 244 37.46 22.52 9.71
N ARG A 245 37.28 22.08 8.46
CA ARG A 245 38.04 22.63 7.35
C ARG A 245 37.47 23.96 6.85
N TYR A 246 36.15 24.05 6.79
CA TYR A 246 35.48 25.15 6.10
C TYR A 246 34.91 26.21 7.03
N LEU A 247 34.46 25.81 8.21
CA LEU A 247 33.75 26.73 9.08
C LEU A 247 34.59 27.32 10.20
N LEU A 248 35.06 26.46 11.10
CA LEU A 248 35.79 26.88 12.29
C LEU A 248 36.85 27.97 12.03
N PRO A 249 37.59 27.87 10.92
CA PRO A 249 38.59 28.90 10.60
C PRO A 249 38.01 30.32 10.50
N ARG A 250 36.73 30.45 10.23
CA ARG A 250 36.10 31.77 10.10
C ARG A 250 35.83 32.42 11.47
N LEU A 251 35.73 33.65 11.55
N MET B 1 -27.49 -33.41 -7.62
CA MET B 1 -26.70 -32.32 -8.20
C MET B 1 -26.44 -31.23 -7.18
N ILE B 2 -25.18 -30.78 -7.11
CA ILE B 2 -24.81 -29.59 -6.35
C ILE B 2 -24.18 -28.59 -7.31
N VAL B 3 -24.58 -27.33 -7.21
CA VAL B 3 -24.00 -26.30 -8.05
C VAL B 3 -22.99 -25.50 -7.24
N PHE B 4 -21.72 -25.56 -7.65
CA PHE B 4 -20.66 -24.77 -7.04
C PHE B 4 -20.43 -23.54 -7.89
N THR B 5 -20.55 -22.35 -7.29
CA THR B 5 -20.48 -21.15 -8.10
C THR B 5 -19.58 -20.09 -7.51
N ASP B 6 -18.82 -19.49 -8.39
CA ASP B 6 -18.02 -18.35 -8.06
C ASP B 6 -18.95 -17.14 -7.89
N LEU B 7 -18.47 -16.11 -7.21
CA LEU B 7 -19.30 -14.94 -6.96
C LEU B 7 -18.99 -13.76 -7.90
N ASP B 8 -17.84 -13.12 -7.71
CA ASP B 8 -17.52 -11.95 -8.52
C ASP B 8 -17.47 -12.30 -10.00
N GLY B 9 -18.22 -11.56 -10.82
CA GLY B 9 -18.18 -11.75 -12.25
C GLY B 9 -18.90 -13.00 -12.72
N THR B 10 -19.50 -13.72 -11.79
CA THR B 10 -20.26 -14.94 -12.11
C THR B 10 -21.69 -14.78 -11.60
N LEU B 11 -21.89 -14.95 -10.31
CA LEU B 11 -23.23 -14.83 -9.72
C LEU B 11 -23.57 -13.37 -9.39
N LEU B 12 -22.55 -12.55 -9.17
CA LEU B 12 -22.76 -11.15 -8.83
C LEU B 12 -22.60 -10.25 -10.05
N ASP B 13 -23.43 -9.20 -10.12
CA ASP B 13 -23.29 -8.21 -11.17
C ASP B 13 -22.08 -7.30 -10.89
N GLU B 14 -21.88 -6.30 -11.74
CA GLU B 14 -20.69 -5.45 -11.65
C GLU B 14 -20.67 -4.56 -10.40
N ARG B 15 -21.79 -4.52 -9.69
CA ARG B 15 -21.89 -3.74 -8.46
C ARG B 15 -21.82 -4.64 -7.24
N GLY B 16 -21.54 -5.92 -7.46
CA GLY B 16 -21.39 -6.88 -6.39
C GLY B 16 -22.69 -7.39 -5.77
N GLU B 17 -23.80 -7.23 -6.49
CA GLU B 17 -25.12 -7.57 -5.97
C GLU B 17 -25.75 -8.81 -6.63
N LEU B 18 -26.68 -9.44 -5.90
CA LEU B 18 -27.30 -10.70 -6.31
C LEU B 18 -28.60 -10.56 -7.13
N GLY B 19 -29.11 -9.34 -7.22
CA GLY B 19 -30.38 -9.10 -7.89
C GLY B 19 -30.61 -9.85 -9.19
N PRO B 20 -29.73 -9.62 -10.18
CA PRO B 20 -29.85 -10.24 -11.51
C PRO B 20 -29.84 -11.76 -11.50
N ALA B 21 -29.25 -12.38 -10.47
CA ALA B 21 -29.20 -13.83 -10.39
C ALA B 21 -30.34 -14.47 -9.60
N ARG B 22 -31.17 -13.65 -8.95
CA ARG B 22 -32.24 -14.15 -8.09
CA ARG B 22 -32.21 -14.18 -8.07
C ARG B 22 -33.14 -15.17 -8.78
N GLU B 23 -33.60 -14.82 -9.97
CA GLU B 23 -34.53 -15.72 -10.67
C GLU B 23 -33.91 -17.11 -10.86
N ALA B 24 -32.67 -17.16 -11.33
CA ALA B 24 -32.03 -18.43 -11.58
C ALA B 24 -31.78 -19.18 -10.27
N LEU B 25 -31.39 -18.45 -9.24
CA LEU B 25 -31.19 -19.08 -7.94
C LEU B 25 -32.50 -19.66 -7.41
N GLU B 26 -33.61 -18.97 -7.65
CA GLU B 26 -34.91 -19.45 -7.19
C GLU B 26 -35.37 -20.68 -7.97
N ARG B 27 -35.04 -20.75 -9.25
CA ARG B 27 -35.32 -21.97 -10.02
C ARG B 27 -34.60 -23.14 -9.36
N LEU B 28 -33.32 -22.95 -9.06
CA LEU B 28 -32.54 -24.01 -8.45
C LEU B 28 -33.08 -24.44 -7.09
N ARG B 29 -33.42 -23.47 -6.24
CA ARG B 29 -33.96 -23.79 -4.92
CA ARG B 29 -33.96 -23.79 -4.92
C ARG B 29 -35.26 -24.57 -5.04
N ALA B 30 -36.13 -24.15 -5.95
CA ALA B 30 -37.42 -24.80 -6.12
C ALA B 30 -37.22 -26.27 -6.44
N LEU B 31 -36.16 -26.57 -7.18
CA LEU B 31 -35.90 -27.93 -7.63
C LEU B 31 -35.07 -28.70 -6.61
N GLY B 32 -34.86 -28.08 -5.45
CA GLY B 32 -34.06 -28.66 -4.40
C GLY B 32 -32.60 -28.90 -4.75
N VAL B 33 -32.05 -28.04 -5.61
CA VAL B 33 -30.62 -28.12 -5.94
C VAL B 33 -29.82 -27.13 -5.09
N PRO B 34 -28.94 -27.66 -4.22
CA PRO B 34 -28.09 -26.81 -3.38
C PRO B 34 -27.11 -25.98 -4.21
N VAL B 35 -26.91 -24.73 -3.79
CA VAL B 35 -25.93 -23.85 -4.42
C VAL B 35 -24.89 -23.47 -3.40
N VAL B 36 -23.63 -23.71 -3.73
CA VAL B 36 -22.49 -23.45 -2.84
C VAL B 36 -21.57 -22.39 -3.44
N PRO B 37 -21.53 -21.20 -2.81
CA PRO B 37 -20.55 -20.20 -3.25
C PRO B 37 -19.11 -20.68 -3.02
N VAL B 38 -18.24 -20.50 -4.01
CA VAL B 38 -16.82 -20.85 -3.90
C VAL B 38 -16.06 -19.64 -4.40
N THR B 39 -15.47 -18.87 -3.50
CA THR B 39 -15.10 -17.51 -3.88
C THR B 39 -13.75 -17.11 -3.32
N ALA B 40 -13.15 -16.08 -3.91
CA ALA B 40 -11.96 -15.43 -3.35
C ALA B 40 -12.34 -14.49 -2.19
N LYS B 41 -13.63 -14.20 -2.04
CA LYS B 41 -14.08 -13.27 -1.02
C LYS B 41 -13.93 -13.85 0.39
N THR B 42 -13.93 -12.99 1.39
CA THR B 42 -13.79 -13.45 2.77
C THR B 42 -15.15 -13.87 3.34
N ARG B 43 -15.11 -14.57 4.46
CA ARG B 43 -16.34 -14.92 5.18
C ARG B 43 -17.21 -13.68 5.46
N LYS B 44 -16.59 -12.59 5.89
CA LYS B 44 -17.35 -11.39 6.19
C LYS B 44 -18.09 -10.84 4.97
N GLU B 45 -17.45 -10.92 3.81
CA GLU B 45 -18.09 -10.47 2.58
C GLU B 45 -19.27 -11.37 2.19
N VAL B 46 -19.06 -12.67 2.30
CA VAL B 46 -20.12 -13.62 1.97
C VAL B 46 -21.30 -13.44 2.92
N GLU B 47 -21.01 -13.27 4.20
CA GLU B 47 -22.08 -13.04 5.16
C GLU B 47 -22.88 -11.79 4.83
N ALA B 48 -22.19 -10.75 4.36
CA ALA B 48 -22.83 -9.48 4.03
C ALA B 48 -23.80 -9.63 2.85
N LEU B 49 -23.56 -10.61 2.01
CA LEU B 49 -24.46 -10.88 0.90
C LEU B 49 -25.71 -11.64 1.35
N GLY B 50 -25.69 -12.10 2.59
CA GLY B 50 -26.82 -12.87 3.13
C GLY B 50 -26.76 -14.35 2.76
N LEU B 51 -25.62 -14.80 2.29
CA LEU B 51 -25.47 -16.19 1.87
C LEU B 51 -25.18 -17.09 3.07
N GLU B 52 -25.88 -18.23 3.13
CA GLU B 52 -25.73 -19.17 4.24
C GLU B 52 -24.78 -20.29 3.87
N PRO B 53 -24.13 -20.91 4.86
CA PRO B 53 -23.23 -22.02 4.58
C PRO B 53 -24.04 -23.25 4.15
N PRO B 54 -23.39 -24.24 3.53
CA PRO B 54 -21.94 -24.27 3.32
C PRO B 54 -21.46 -23.33 2.23
N PHE B 55 -20.30 -22.74 2.47
CA PHE B 55 -19.63 -21.97 1.42
C PHE B 55 -18.13 -22.06 1.60
N ILE B 56 -17.41 -21.71 0.52
CA ILE B 56 -15.96 -21.79 0.50
C ILE B 56 -15.39 -20.41 0.23
N VAL B 57 -14.51 -19.96 1.11
CA VAL B 57 -13.99 -18.59 1.06
C VAL B 57 -12.52 -18.58 0.69
N GLU B 58 -12.05 -17.39 0.32
CA GLU B 58 -10.62 -17.18 0.08
C GLU B 58 -9.94 -18.24 -0.78
N ASN B 59 -10.54 -18.49 -1.94
CA ASN B 59 -9.94 -19.33 -2.97
C ASN B 59 -9.74 -20.77 -2.54
N GLY B 60 -10.55 -21.18 -1.56
CA GLY B 60 -10.51 -22.55 -1.07
C GLY B 60 -9.72 -22.68 0.21
N GLY B 61 -9.35 -21.55 0.80
CA GLY B 61 -8.57 -21.55 2.04
C GLY B 61 -9.42 -22.07 3.19
N GLY B 62 -10.71 -21.74 3.17
CA GLY B 62 -11.61 -22.14 4.23
C GLY B 62 -12.92 -22.70 3.74
N LEU B 63 -13.34 -23.80 4.34
CA LEU B 63 -14.63 -24.39 4.05
C LEU B 63 -15.49 -24.15 5.27
N TYR B 64 -16.57 -23.39 5.10
CA TYR B 64 -17.49 -23.15 6.19
C TYR B 64 -18.73 -24.04 6.11
N LEU B 65 -19.06 -24.66 7.25
CA LEU B 65 -20.25 -25.50 7.35
C LEU B 65 -21.21 -24.95 8.39
N PRO B 66 -22.52 -25.26 8.26
CA PRO B 66 -23.51 -24.94 9.29
C PRO B 66 -23.15 -25.63 10.60
N ARG B 67 -23.53 -25.04 11.73
CA ARG B 67 -23.15 -25.59 13.03
C ARG B 67 -23.68 -27.00 13.23
N ASP B 68 -24.78 -27.32 12.55
CA ASP B 68 -25.41 -28.64 12.72
C ASP B 68 -25.29 -29.54 11.49
N TRP B 69 -24.28 -29.30 10.67
CA TRP B 69 -23.94 -30.21 9.58
C TRP B 69 -23.91 -31.64 10.12
N PRO B 70 -24.61 -32.55 9.44
CA PRO B 70 -24.75 -33.93 9.92
C PRO B 70 -23.42 -34.67 9.99
N VAL B 71 -22.45 -34.26 9.17
CA VAL B 71 -21.11 -34.84 9.19
C VAL B 71 -20.16 -33.98 10.03
N ARG B 72 -19.62 -34.54 11.10
CA ARG B 72 -18.80 -33.77 12.03
C ARG B 72 -17.42 -33.51 11.44
N ALA B 73 -17.11 -32.24 11.20
CA ALA B 73 -15.81 -31.88 10.65
C ALA B 73 -15.39 -30.51 11.13
N GLY B 74 -14.11 -30.20 10.92
CA GLY B 74 -13.58 -28.90 11.25
C GLY B 74 -13.74 -28.61 12.72
N ARG B 75 -13.63 -27.33 13.07
CA ARG B 75 -13.72 -26.92 14.46
CA ARG B 75 -13.72 -26.92 14.46
C ARG B 75 -14.74 -25.79 14.56
N PRO B 76 -15.42 -25.68 15.71
CA PRO B 76 -16.39 -24.59 15.83
C PRO B 76 -15.69 -23.25 15.68
N LYS B 77 -16.22 -22.41 14.80
CA LYS B 77 -15.73 -21.04 14.72
C LYS B 77 -16.89 -20.09 14.46
N GLY B 78 -17.36 -19.46 15.54
CA GLY B 78 -18.39 -18.44 15.45
C GLY B 78 -19.66 -18.85 14.75
N GLY B 79 -20.36 -19.84 15.29
CA GLY B 79 -21.67 -20.22 14.81
C GLY B 79 -21.64 -21.10 13.58
N TYR B 80 -20.44 -21.27 13.05
CA TYR B 80 -20.20 -22.18 11.95
C TYR B 80 -19.28 -23.27 12.47
N ARG B 81 -18.99 -24.22 11.59
CA ARG B 81 -17.83 -25.09 11.75
C ARG B 81 -16.89 -24.83 10.58
N VAL B 82 -15.61 -24.63 10.87
CA VAL B 82 -14.63 -24.34 9.81
C VAL B 82 -13.60 -25.43 9.59
N VAL B 83 -13.45 -25.82 8.33
CA VAL B 83 -12.38 -26.70 7.92
C VAL B 83 -11.31 -25.85 7.23
N SER B 84 -10.16 -25.68 7.89
CA SER B 84 -9.07 -24.89 7.33
C SER B 84 -8.22 -25.74 6.42
N LEU B 85 -8.12 -25.32 5.16
CA LEU B 85 -7.34 -26.08 4.20
C LEU B 85 -5.98 -25.44 3.96
N ALA B 86 -5.91 -24.13 4.14
CA ALA B 86 -4.70 -23.38 3.79
C ALA B 86 -3.98 -22.79 5.01
N TRP B 87 -2.74 -22.35 4.81
CA TRP B 87 -2.02 -21.60 5.84
C TRP B 87 -2.82 -20.40 6.27
N PRO B 88 -2.68 -20.01 7.53
CA PRO B 88 -3.30 -18.78 8.01
C PRO B 88 -2.64 -17.55 7.39
N TYR B 89 -3.43 -16.49 7.25
CA TYR B 89 -3.02 -15.21 6.70
C TYR B 89 -1.70 -14.73 7.30
N ARG B 90 -1.59 -14.81 8.63
CA ARG B 90 -0.36 -14.35 9.29
C ARG B 90 0.91 -15.00 8.71
N LYS B 91 0.82 -16.28 8.37
CA LYS B 91 1.96 -17.00 7.81
CA LYS B 91 1.96 -17.01 7.83
C LYS B 91 2.25 -16.60 6.39
N VAL B 92 1.19 -16.39 5.60
CA VAL B 92 1.35 -15.89 4.26
C VAL B 92 2.02 -14.52 4.28
N ARG B 93 1.53 -13.64 5.16
CA ARG B 93 2.11 -12.29 5.24
C ARG B 93 3.59 -12.33 5.62
N ALA B 94 3.94 -13.19 6.57
CA ALA B 94 5.36 -13.31 6.95
C ALA B 94 6.21 -13.78 5.77
N ARG B 95 5.74 -14.77 5.04
CA ARG B 95 6.48 -15.26 3.88
C ARG B 95 6.55 -14.23 2.75
N LEU B 96 5.52 -13.38 2.62
CA LEU B 96 5.56 -12.30 1.65
C LEU B 96 6.72 -11.32 1.90
N ARG B 97 7.06 -11.10 3.16
CA ARG B 97 8.20 -10.21 3.45
C ARG B 97 9.48 -10.78 2.87
N GLU B 98 9.59 -12.11 2.88
CA GLU B 98 10.74 -12.76 2.28
C GLU B 98 10.76 -12.68 0.76
N ALA B 99 9.59 -12.81 0.15
CA ALA B 99 9.43 -12.62 -1.30
C ALA B 99 9.84 -11.19 -1.68
N GLU B 100 9.41 -10.23 -0.87
CA GLU B 100 9.72 -8.83 -1.16
C GLU B 100 11.21 -8.58 -1.10
N ALA B 101 11.89 -9.25 -0.17
CA ALA B 101 13.32 -9.08 -0.04
C ALA B 101 14.04 -9.69 -1.25
N LEU B 102 13.50 -10.78 -1.77
CA LEU B 102 14.06 -11.40 -2.97
C LEU B 102 13.81 -10.58 -4.24
N ALA B 103 12.61 -10.03 -4.34
CA ALA B 103 12.20 -9.28 -5.53
C ALA B 103 12.93 -7.95 -5.60
N GLY B 104 13.31 -7.43 -4.45
CA GLY B 104 13.92 -6.11 -4.38
C GLY B 104 12.94 -5.01 -4.77
N ARG B 105 11.66 -5.35 -4.77
CA ARG B 105 10.57 -4.46 -5.11
C ARG B 105 9.52 -4.56 -4.00
N PRO B 106 8.82 -3.45 -3.67
CA PRO B 106 7.72 -3.57 -2.71
C PRO B 106 6.68 -4.53 -3.23
N ILE B 107 6.14 -5.38 -2.34
CA ILE B 107 5.00 -6.21 -2.69
C ILE B 107 3.88 -5.85 -1.73
N LEU B 108 2.97 -4.99 -2.17
CA LEU B 108 1.91 -4.53 -1.29
C LEU B 108 0.68 -5.38 -1.43
N GLY B 109 0.04 -5.64 -0.29
CA GLY B 109 -1.24 -6.34 -0.30
C GLY B 109 -2.26 -5.56 0.50
N TYR B 110 -3.49 -6.06 0.56
CA TYR B 110 -4.53 -5.37 1.32
C TYR B 110 -4.11 -5.15 2.77
N GLY B 111 -3.34 -6.07 3.34
CA GLY B 111 -2.90 -5.98 4.72
C GLY B 111 -2.00 -4.76 5.00
N ASP B 112 -1.39 -4.25 3.94
CA ASP B 112 -0.58 -3.03 4.02
C ASP B 112 -1.37 -1.73 3.86
N LEU B 113 -2.61 -1.84 3.42
CA LEU B 113 -3.37 -0.67 3.01
C LEU B 113 -4.49 -0.35 3.96
N THR B 114 -4.84 0.93 4.04
CA THR B 114 -6.01 1.35 4.79
C THR B 114 -7.31 0.92 4.09
N ALA B 115 -8.38 0.85 4.86
CA ALA B 115 -9.69 0.57 4.30
C ALA B 115 -10.01 1.60 3.22
N GLU B 116 -9.65 2.84 3.49
CA GLU B 116 -9.91 3.93 2.55
CA GLU B 116 -9.89 3.93 2.57
C GLU B 116 -9.20 3.67 1.23
N ALA B 117 -7.97 3.18 1.30
CA ALA B 117 -7.17 2.90 0.11
C ALA B 117 -7.73 1.70 -0.67
N VAL B 118 -8.10 0.66 0.05
CA VAL B 118 -8.68 -0.53 -0.57
C VAL B 118 -9.99 -0.14 -1.26
N ALA B 119 -10.80 0.70 -0.60
CA ALA B 119 -12.05 1.18 -1.20
C ALA B 119 -11.76 1.90 -2.52
N ARG B 120 -10.76 2.77 -2.51
CA ARG B 120 -10.42 3.53 -3.71
C ARG B 120 -9.97 2.60 -4.84
N LEU B 121 -9.17 1.58 -4.50
CA LEU B 121 -8.58 0.69 -5.49
C LEU B 121 -9.59 -0.29 -6.08
N THR B 122 -10.63 -0.60 -5.32
CA THR B 122 -11.53 -1.69 -5.68
C THR B 122 -12.89 -1.19 -6.14
N GLY B 123 -13.22 0.04 -5.79
CA GLY B 123 -14.54 0.59 -6.08
C GLY B 123 -15.55 0.24 -5.01
N LEU B 124 -15.12 -0.48 -3.99
CA LEU B 124 -15.98 -0.83 -2.87
C LEU B 124 -16.22 0.35 -1.96
N SER B 125 -17.32 0.32 -1.20
CA SER B 125 -17.54 1.29 -0.15
C SER B 125 -16.51 1.04 0.94
N ARG B 126 -16.34 2.01 1.84
CA ARG B 126 -15.43 1.88 2.97
CA ARG B 126 -15.41 1.87 2.94
C ARG B 126 -15.77 0.66 3.80
N GLU B 127 -17.06 0.50 4.09
CA GLU B 127 -17.51 -0.64 4.88
C GLU B 127 -17.23 -1.98 4.19
N ALA B 128 -17.49 -2.03 2.89
CA ALA B 128 -17.23 -3.25 2.13
C ALA B 128 -15.72 -3.53 2.08
N ALA B 129 -14.91 -2.48 2.02
CA ALA B 129 -13.46 -2.65 1.99
C ALA B 129 -12.93 -3.23 3.31
N ARG B 130 -13.52 -2.82 4.42
CA ARG B 130 -13.17 -3.44 5.70
C ARG B 130 -13.45 -4.95 5.68
N ARG B 131 -14.57 -5.35 5.08
CA ARG B 131 -14.88 -6.78 4.99
C ARG B 131 -13.87 -7.50 4.10
N ALA B 132 -13.49 -6.86 2.99
CA ALA B 132 -12.51 -7.46 2.08
C ALA B 132 -11.14 -7.58 2.73
N LYS B 133 -10.85 -6.71 3.70
CA LYS B 133 -9.57 -6.75 4.43
C LYS B 133 -9.52 -7.78 5.55
N ALA B 134 -10.67 -8.34 5.91
CA ALA B 134 -10.72 -9.29 7.02
C ALA B 134 -10.39 -10.69 6.50
N ARG B 135 -9.14 -10.88 6.10
CA ARG B 135 -8.73 -12.13 5.44
C ARG B 135 -8.10 -13.11 6.41
N GLU B 136 -8.46 -14.39 6.28
CA GLU B 136 -7.99 -15.42 7.19
C GLU B 136 -6.93 -16.34 6.59
N TYR B 137 -6.83 -16.36 5.27
CA TYR B 137 -5.97 -17.33 4.58
C TYR B 137 -5.13 -16.71 3.48
N ASP B 138 -5.80 -15.96 2.60
CA ASP B 138 -5.29 -15.52 1.31
C ASP B 138 -5.01 -14.01 1.35
N GLU B 139 -3.93 -13.56 0.71
CA GLU B 139 -3.70 -12.12 0.60
C GLU B 139 -4.00 -11.66 -0.83
N THR B 140 -4.68 -10.54 -0.96
CA THR B 140 -4.87 -9.91 -2.24
C THR B 140 -3.74 -8.93 -2.48
N LEU B 141 -3.05 -9.08 -3.61
CA LEU B 141 -1.88 -8.25 -3.90
C LEU B 141 -2.28 -7.10 -4.80
N VAL B 142 -1.56 -5.99 -4.67
CA VAL B 142 -1.80 -4.85 -5.55
C VAL B 142 -0.49 -4.63 -6.30
N LEU B 143 -0.41 -5.20 -7.49
CA LEU B 143 0.84 -5.22 -8.24
C LEU B 143 0.74 -4.32 -9.45
N CYS B 144 1.78 -3.56 -9.74
CA CYS B 144 1.85 -2.89 -11.03
C CYS B 144 2.22 -3.94 -12.09
N PRO B 145 1.56 -3.88 -13.25
CA PRO B 145 1.78 -4.88 -14.29
C PRO B 145 3.25 -5.10 -14.60
N GLU B 146 4.05 -4.05 -14.48
CA GLU B 146 5.47 -4.14 -14.82
C GLU B 146 6.26 -5.04 -13.87
N GLU B 147 5.76 -5.22 -12.65
CA GLU B 147 6.49 -5.96 -11.63
C GLU B 147 5.98 -7.40 -11.48
N VAL B 148 4.90 -7.75 -12.17
CA VAL B 148 4.23 -9.04 -11.96
C VAL B 148 5.16 -10.24 -12.20
N GLU B 149 5.85 -10.23 -13.33
CA GLU B 149 6.75 -11.32 -13.66
C GLU B 149 7.75 -11.57 -12.55
N ALA B 150 8.41 -10.52 -12.09
CA ALA B 150 9.42 -10.66 -11.02
C ALA B 150 8.78 -11.11 -9.71
N VAL B 151 7.62 -10.55 -9.41
CA VAL B 151 6.98 -10.82 -8.13
C VAL B 151 6.52 -12.28 -8.07
N LEU B 152 5.92 -12.77 -9.14
CA LEU B 152 5.40 -14.13 -9.12
C LEU B 152 6.52 -15.13 -8.94
N GLU B 153 7.66 -14.88 -9.59
CA GLU B 153 8.82 -15.75 -9.40
C GLU B 153 9.30 -15.71 -7.96
N ALA B 154 9.30 -14.52 -7.35
CA ALA B 154 9.69 -14.39 -5.94
C ALA B 154 8.73 -15.15 -5.03
N LEU B 155 7.43 -15.10 -5.34
CA LEU B 155 6.46 -15.86 -4.56
C LEU B 155 6.79 -17.37 -4.64
N GLU B 156 7.08 -17.86 -5.84
CA GLU B 156 7.38 -19.27 -6.00
C GLU B 156 8.66 -19.64 -5.26
N ALA B 157 9.63 -18.75 -5.31
CA ALA B 157 10.90 -19.02 -4.68
C ALA B 157 10.78 -19.21 -3.18
N VAL B 158 9.81 -18.53 -2.58
CA VAL B 158 9.66 -18.59 -1.13
C VAL B 158 8.57 -19.56 -0.68
N GLY B 159 8.00 -20.29 -1.64
CA GLY B 159 7.09 -21.38 -1.30
C GLY B 159 5.63 -20.96 -1.24
N LEU B 160 5.31 -19.76 -1.74
CA LEU B 160 3.91 -19.35 -1.83
C LEU B 160 3.32 -19.72 -3.18
N GLU B 161 1.99 -19.82 -3.23
CA GLU B 161 1.28 -20.10 -4.46
C GLU B 161 0.52 -18.83 -4.86
N TRP B 162 0.30 -18.64 -6.15
CA TRP B 162 -0.41 -17.46 -6.56
C TRP B 162 -1.53 -17.82 -7.51
N THR B 163 -2.50 -16.92 -7.60
CA THR B 163 -3.56 -17.05 -8.60
C THR B 163 -4.06 -15.67 -8.95
N HIS B 164 -5.08 -15.58 -9.79
CA HIS B 164 -5.57 -14.27 -10.17
C HIS B 164 -7.08 -14.36 -10.18
N GLY B 165 -7.73 -13.35 -9.62
CA GLY B 165 -9.18 -13.44 -9.41
C GLY B 165 -10.05 -12.59 -10.29
N GLY B 166 -9.49 -12.05 -11.38
CA GLY B 166 -10.30 -11.24 -12.26
C GLY B 166 -9.72 -9.85 -12.40
N ARG B 167 -9.30 -9.26 -11.28
CA ARG B 167 -8.64 -7.96 -11.31
C ARG B 167 -7.32 -7.95 -10.53
N PHE B 168 -7.20 -8.81 -9.52
CA PHE B 168 -6.03 -8.82 -8.64
C PHE B 168 -5.35 -10.18 -8.56
N TYR B 169 -4.03 -10.19 -8.35
CA TYR B 169 -3.31 -11.40 -7.99
C TYR B 169 -3.51 -11.70 -6.51
N HIS B 170 -3.44 -12.99 -6.16
CA HIS B 170 -3.59 -13.39 -4.77
C HIS B 170 -2.41 -14.29 -4.42
N ALA B 171 -2.03 -14.27 -3.15
CA ALA B 171 -0.99 -15.18 -2.64
C ALA B 171 -1.54 -16.01 -1.48
N ALA B 172 -1.19 -17.30 -1.42
CA ALA B 172 -1.65 -18.15 -0.32
C ALA B 172 -0.81 -19.42 -0.32
N LYS B 173 -1.12 -20.34 0.56
CA LYS B 173 -0.48 -21.65 0.54
C LYS B 173 -1.50 -22.69 0.96
N GLY B 174 -1.90 -23.51 0.00
CA GLY B 174 -2.84 -24.59 0.25
C GLY B 174 -4.28 -24.21 -0.04
N ALA B 175 -4.49 -23.02 -0.60
CA ALA B 175 -5.84 -22.55 -0.95
C ALA B 175 -6.09 -22.84 -2.41
N ASP B 176 -7.02 -23.76 -2.68
CA ASP B 176 -7.29 -24.18 -4.04
C ASP B 176 -8.80 -24.46 -4.11
N LYS B 177 -9.51 -23.86 -5.05
CA LYS B 177 -10.96 -24.04 -5.07
C LYS B 177 -11.37 -25.51 -5.25
N GLY B 178 -10.62 -26.24 -6.07
CA GLY B 178 -10.93 -27.64 -6.35
C GLY B 178 -10.69 -28.55 -5.15
N ARG B 179 -9.61 -28.31 -4.42
CA ARG B 179 -9.34 -29.05 -3.21
C ARG B 179 -10.50 -28.90 -2.23
N ALA B 180 -10.95 -27.66 -2.05
CA ALA B 180 -12.08 -27.37 -1.16
C ALA B 180 -13.39 -27.99 -1.60
N VAL B 181 -13.68 -27.95 -2.90
CA VAL B 181 -14.92 -28.50 -3.40
C VAL B 181 -14.90 -30.02 -3.20
N ALA B 182 -13.75 -30.63 -3.48
CA ALA B 182 -13.58 -32.05 -3.27
C ALA B 182 -13.84 -32.44 -1.80
N ARG B 183 -13.30 -31.65 -0.88
CA ARG B 183 -13.49 -31.89 0.55
CA ARG B 183 -13.49 -31.90 0.55
C ARG B 183 -14.97 -31.80 0.93
N LEU B 184 -15.62 -30.73 0.48
CA LEU B 184 -17.03 -30.54 0.78
C LEU B 184 -17.91 -31.66 0.20
N ARG B 185 -17.62 -32.09 -1.02
CA ARG B 185 -18.40 -33.19 -1.59
C ARG B 185 -18.24 -34.48 -0.76
N ALA B 186 -17.04 -34.70 -0.26
CA ALA B 186 -16.73 -35.86 0.57
C ALA B 186 -17.42 -35.76 1.93
N LEU B 187 -17.71 -34.53 2.35
CA LEU B 187 -18.43 -34.27 3.59
C LEU B 187 -19.94 -34.11 3.41
N TRP B 188 -20.45 -34.38 2.20
CA TRP B 188 -21.87 -34.16 1.94
C TRP B 188 -22.71 -35.26 2.57
N PRO B 189 -23.81 -34.86 3.24
CA PRO B 189 -24.71 -35.77 3.97
C PRO B 189 -25.39 -36.77 3.05
N ASP B 190 -25.60 -36.38 1.80
CA ASP B 190 -26.28 -37.23 0.82
C ASP B 190 -25.35 -37.53 -0.35
N PRO B 191 -24.69 -38.69 -0.31
CA PRO B 191 -23.70 -39.06 -1.33
C PRO B 191 -24.26 -38.99 -2.75
N GLU B 192 -25.51 -39.39 -2.92
CA GLU B 192 -26.13 -39.36 -4.25
C GLU B 192 -26.26 -37.93 -4.74
N GLU B 193 -26.64 -37.03 -3.84
CA GLU B 193 -26.82 -35.64 -4.21
C GLU B 193 -25.50 -35.03 -4.65
N ALA B 194 -24.42 -35.44 -4.00
CA ALA B 194 -23.07 -34.91 -4.27
C ALA B 194 -22.39 -35.61 -5.45
N ARG B 195 -22.98 -36.68 -5.96
CA ARG B 195 -22.40 -37.43 -7.06
C ARG B 195 -22.16 -36.61 -8.34
N PHE B 196 -23.07 -35.69 -8.65
CA PHE B 196 -22.93 -34.87 -9.83
C PHE B 196 -22.74 -33.39 -9.49
N ALA B 197 -21.55 -32.88 -9.76
CA ALA B 197 -21.21 -31.50 -9.42
C ALA B 197 -21.14 -30.58 -10.64
N VAL B 198 -21.70 -29.40 -10.50
CA VAL B 198 -21.59 -28.35 -11.51
C VAL B 198 -20.72 -27.24 -10.94
N GLY B 199 -19.86 -26.66 -11.79
CA GLY B 199 -19.03 -25.54 -11.38
C GLY B 199 -19.09 -24.40 -12.39
N LEU B 200 -19.36 -23.19 -11.91
CA LEU B 200 -19.41 -22.02 -12.78
C LEU B 200 -18.44 -20.98 -12.25
N GLY B 201 -17.75 -20.32 -13.18
CA GLY B 201 -16.76 -19.33 -12.79
C GLY B 201 -16.33 -18.49 -13.97
N ASP B 202 -15.43 -17.53 -13.71
CA ASP B 202 -15.08 -16.57 -14.74
C ASP B 202 -13.61 -16.17 -14.82
N SER B 203 -12.77 -16.70 -13.94
CA SER B 203 -11.36 -16.25 -13.86
C SER B 203 -10.37 -17.38 -13.57
N LEU B 204 -9.09 -17.04 -13.51
CA LEU B 204 -8.04 -18.02 -13.33
C LEU B 204 -8.21 -18.81 -12.03
N ASN B 205 -8.71 -18.14 -11.00
CA ASN B 205 -8.86 -18.83 -9.71
C ASN B 205 -9.95 -19.91 -9.74
N ASP B 206 -10.69 -19.96 -10.83
CA ASP B 206 -11.73 -20.97 -11.01
C ASP B 206 -11.29 -22.22 -11.79
N LEU B 207 -10.10 -22.21 -12.36
CA LEU B 207 -9.61 -23.37 -13.11
C LEU B 207 -9.59 -24.62 -12.24
N PRO B 208 -9.13 -24.49 -10.98
CA PRO B 208 -9.18 -25.69 -10.14
C PRO B 208 -10.61 -26.12 -9.82
N LEU B 209 -11.55 -25.18 -9.79
CA LEU B 209 -12.96 -25.51 -9.60
C LEU B 209 -13.43 -26.36 -10.77
N PHE B 210 -13.13 -25.93 -12.00
CA PHE B 210 -13.59 -26.67 -13.17
C PHE B 210 -13.05 -28.10 -13.20
N ARG B 211 -11.85 -28.30 -12.67
CA ARG B 211 -11.26 -29.64 -12.66
C ARG B 211 -11.88 -30.54 -11.61
N ALA B 212 -12.56 -29.94 -10.64
CA ALA B 212 -13.10 -30.70 -9.51
C ALA B 212 -14.59 -31.00 -9.66
N VAL B 213 -15.16 -30.59 -10.78
CA VAL B 213 -16.59 -30.82 -10.99
C VAL B 213 -16.86 -31.70 -12.20
N ASP B 214 -18.09 -32.12 -12.35
CA ASP B 214 -18.46 -33.01 -13.45
C ASP B 214 -18.95 -32.22 -14.67
N LEU B 215 -19.46 -31.02 -14.42
CA LEU B 215 -19.93 -30.16 -15.49
C LEU B 215 -19.45 -28.75 -15.23
N ALA B 216 -18.56 -28.24 -16.08
CA ALA B 216 -17.95 -26.93 -15.85
C ALA B 216 -18.49 -25.89 -16.83
N VAL B 217 -18.75 -24.68 -16.34
CA VAL B 217 -19.28 -23.63 -17.21
C VAL B 217 -18.55 -22.31 -16.95
N TYR B 218 -18.04 -21.72 -18.02
CA TYR B 218 -17.30 -20.46 -17.94
C TYR B 218 -18.22 -19.31 -18.31
N VAL B 219 -18.31 -18.31 -17.44
CA VAL B 219 -19.11 -17.12 -17.74
C VAL B 219 -18.29 -15.85 -17.72
N GLY B 220 -16.99 -15.99 -17.99
CA GLY B 220 -16.10 -14.84 -18.08
C GLY B 220 -16.03 -14.25 -19.47
N ARG B 221 -15.13 -13.29 -19.64
CA ARG B 221 -14.95 -12.64 -20.95
C ARG B 221 -14.07 -13.50 -21.85
N GLY B 222 -14.29 -13.39 -23.15
CA GLY B 222 -13.45 -14.10 -24.11
C GLY B 222 -13.73 -15.59 -24.18
N ASP B 223 -12.79 -16.33 -24.77
CA ASP B 223 -12.93 -17.77 -24.96
C ASP B 223 -12.77 -18.53 -23.65
N PRO B 224 -13.49 -19.67 -23.52
CA PRO B 224 -13.43 -20.49 -22.32
C PRO B 224 -12.14 -21.30 -22.25
N PRO B 225 -11.75 -21.73 -21.05
CA PRO B 225 -10.69 -22.73 -20.96
C PRO B 225 -11.16 -24.00 -21.66
N GLU B 226 -10.24 -24.84 -22.11
CA GLU B 226 -10.64 -26.02 -22.87
C GLU B 226 -11.52 -26.97 -22.05
N GLY B 227 -12.55 -27.51 -22.69
CA GLY B 227 -13.42 -28.49 -22.07
C GLY B 227 -14.46 -27.90 -21.14
N VAL B 228 -14.47 -26.57 -21.04
CA VAL B 228 -15.48 -25.91 -20.23
C VAL B 228 -16.48 -25.30 -21.20
N LEU B 229 -17.75 -25.26 -20.80
CA LEU B 229 -18.80 -24.74 -21.66
C LEU B 229 -18.81 -23.23 -21.57
N ALA B 230 -19.25 -22.58 -22.65
CA ALA B 230 -19.44 -21.13 -22.65
C ALA B 230 -20.91 -20.75 -22.62
N THR B 231 -21.16 -19.48 -22.35
CA THR B 231 -22.50 -18.90 -22.44
C THR B 231 -22.42 -17.69 -23.36
N PRO B 232 -23.56 -17.27 -23.92
CA PRO B 232 -23.56 -16.16 -24.89
C PRO B 232 -23.19 -14.84 -24.22
N ALA B 233 -23.46 -14.72 -22.93
CA ALA B 233 -23.17 -13.49 -22.20
C ALA B 233 -22.49 -13.80 -20.88
N PRO B 234 -21.63 -12.89 -20.41
CA PRO B 234 -20.89 -13.11 -19.16
C PRO B 234 -21.71 -12.79 -17.91
N GLY B 235 -21.18 -13.17 -16.75
CA GLY B 235 -21.78 -12.81 -15.49
C GLY B 235 -23.11 -13.47 -15.21
N PRO B 236 -23.96 -12.82 -14.40
CA PRO B 236 -25.29 -13.35 -14.02
C PRO B 236 -26.18 -13.76 -15.20
N GLU B 237 -26.08 -13.07 -16.33
CA GLU B 237 -26.83 -13.49 -17.51
C GLU B 237 -26.31 -14.82 -18.02
N GLY B 238 -25.01 -15.05 -17.85
CA GLY B 238 -24.42 -16.33 -18.20
C GLY B 238 -24.86 -17.42 -17.23
N PHE B 239 -24.89 -17.07 -15.95
CA PHE B 239 -25.35 -18.02 -14.94
C PHE B 239 -26.80 -18.41 -15.23
N ARG B 240 -27.64 -17.41 -15.49
CA ARG B 240 -29.05 -17.68 -15.77
C ARG B 240 -29.17 -18.60 -16.98
N TYR B 241 -28.42 -18.30 -18.03
CA TYR B 241 -28.45 -19.08 -19.26
C TYR B 241 -28.07 -20.53 -18.97
N ALA B 242 -27.02 -20.72 -18.18
CA ALA B 242 -26.52 -22.06 -17.88
C ALA B 242 -27.55 -22.87 -17.13
N VAL B 243 -28.21 -22.24 -16.16
CA VAL B 243 -29.25 -22.93 -15.41
C VAL B 243 -30.35 -23.39 -16.34
N GLU B 244 -30.79 -22.49 -17.21
CA GLU B 244 -31.91 -22.80 -18.07
C GLU B 244 -31.58 -23.78 -19.21
N ARG B 245 -30.36 -23.71 -19.74
CA ARG B 245 -30.02 -24.58 -20.86
C ARG B 245 -29.28 -25.86 -20.48
N TYR B 246 -28.45 -25.79 -19.46
CA TYR B 246 -27.59 -26.91 -19.11
C TYR B 246 -28.12 -27.75 -17.95
N LEU B 247 -28.70 -27.10 -16.95
CA LEU B 247 -29.11 -27.79 -15.73
C LEU B 247 -30.56 -28.29 -15.71
N LEU B 248 -31.49 -27.39 -15.98
CA LEU B 248 -32.91 -27.75 -15.94
C LEU B 248 -33.22 -29.02 -16.72
N PRO B 249 -32.68 -29.13 -17.95
CA PRO B 249 -32.93 -30.35 -18.72
C PRO B 249 -32.42 -31.60 -17.99
N ARG B 250 -31.24 -31.50 -17.40
CA ARG B 250 -30.62 -32.63 -16.69
C ARG B 250 -31.39 -33.02 -15.42
N LEU B 251 -32.25 -32.12 -14.94
CA LEU B 251 -32.92 -32.32 -13.66
C LEU B 251 -34.22 -33.09 -13.76
N SER B 252 -34.69 -33.30 -14.98
CA SER B 252 -35.87 -34.11 -15.21
C SER B 252 -35.47 -35.47 -15.75
N ARG B 253 -35.16 -35.55 -17.03
CA ARG B 253 -34.64 -36.77 -17.65
C ARG B 253 -35.61 -37.96 -17.55
N ARG B 254 -35.56 -38.82 -18.56
CA ARG B 254 -36.34 -40.06 -18.58
C ARG B 254 -37.83 -39.79 -18.77
N GLY B 255 -38.34 -38.73 -18.44
MG MG C . 18.91 13.39 3.24
P PO4 D . 16.46 14.33 4.97
O1 PO4 D . 16.95 14.99 6.24
O2 PO4 D . 16.25 15.32 3.86
O3 PO4 D . 17.49 13.33 4.52
O4 PO4 D . 15.15 13.63 5.25
C1 2M8 E . 11.22 10.03 3.39
O1 2M8 E . 12.36 10.89 3.26
C22 2M8 E . 13.53 10.22 2.78
C23 2M8 E . 14.69 11.21 2.82
O13 2M8 E . 14.43 12.23 1.86
C21 2M8 E . 13.35 9.73 1.38
O1A 2M8 E . 12.38 10.16 0.70
O1B 2M8 E . 14.26 9.07 0.85
C2 2M8 E . 10.19 10.75 4.24
O2 2M8 E . 8.98 10.00 4.16
C3 2M8 E . 10.66 10.87 5.68
O3 2M8 E . 9.58 11.41 6.45
C4 2M8 E . 11.05 9.50 6.23
O4 2M8 E . 11.67 9.61 7.52
C5 2M8 E . 12.05 8.81 5.32
C6 2M8 E . 12.29 7.38 5.81
O6 2M8 E . 13.42 6.85 5.11
O5 2M8 E . 11.59 8.78 3.98
MG MG F . -15.02 -14.42 -10.14
P PO4 G . -14.55 -14.63 -6.80
O1 PO4 G . -13.95 -13.47 -6.02
O2 PO4 G . -14.67 -14.14 -8.20
O3 PO4 G . -13.63 -15.82 -6.73
O4 PO4 G . -15.89 -14.93 -6.23
C1 2M8 H . -10.61 -9.59 -4.66
O1 2M8 H . -11.25 -10.56 -5.48
C22 2M8 H . -11.46 -10.09 -6.81
C23 2M8 H . -12.47 -11.00 -7.50
O13 2M8 H . -11.93 -12.32 -7.52
C21 2M8 H . -10.18 -10.06 -7.60
O1A 2M8 H . -9.20 -10.72 -7.19
O1B 2M8 H . -10.25 -9.69 -8.78
C2 2M8 H . -10.68 -10.03 -3.20
O2 2M8 H . -9.86 -9.15 -2.40
C3 2M8 H . -12.11 -10.01 -2.68
O3 2M8 H . -12.08 -10.23 -1.27
C4 2M8 H . -12.70 -8.62 -2.93
O4 2M8 H . -14.10 -8.61 -2.61
C5 2M8 H . -12.58 -8.21 -4.39
C6 2M8 H . -13.02 -6.77 -4.54
O6 2M8 H . -12.94 -6.45 -5.92
O5 2M8 H . -11.24 -8.31 -4.86
#